data_3KJP
#
_entry.id   3KJP
#
_cell.length_a   102.112
_cell.length_b   104.198
_cell.length_c   71.607
_cell.angle_alpha   90.00
_cell.angle_beta   90.00
_cell.angle_gamma   90.00
#
_symmetry.space_group_name_H-M   'C 2 2 21'
#
loop_
_entity.id
_entity.type
_entity.pdbx_description
1 polymer 'Protection of telomeres protein 1'
2 polymer "5'-D(*G*GP*TP*TP*AP*GP*GP*GP*TP*TP*AP*G)-3'"
3 water water
#
loop_
_entity_poly.entity_id
_entity_poly.type
_entity_poly.pdbx_seq_one_letter_code
_entity_poly.pdbx_strand_id
1 'polypeptide(L)'
;MSLVPATNYIYTPLNQLKGGTIVNVYGVVKFFKPPYLSKGTDYCSVVTIVDQTNVKLTCLLFSGNYEALPIIYKNGDIVR
FHRLKIQVYKKETQGITSSGFASLTFEGTLGAPIIPRTSSKYFNFTTEDHKMVEALRVWASTHMSPSWTLLKLCDVQPMQ
YFDLTCQLLGKAEVDGASFLLKVWDGTRTPFPSWRVLIQDLVLEGDLSHIHRLQNLTIDILVYDNHVHVARSLKVGSFLR
IYSLHTKLQSMNSENQTMLSLEFHLHGGTSYGRGIRVLPESNSDVDQLKKDLESANLTA
;
A
2 'polydeoxyribonucleotide' (DG)(DG)(DT)(DT)(DA)(DG)(DG)(DG)(DT)(DT)(DA)(DG) B
#
# COMPACT_ATOMS: atom_id res chain seq x y z
N ALA A 6 -19.67 -21.49 -24.35
CA ALA A 6 -20.35 -20.71 -23.27
C ALA A 6 -19.42 -20.45 -22.08
N THR A 7 -19.39 -19.20 -21.63
CA THR A 7 -18.54 -18.81 -20.51
C THR A 7 -19.40 -18.39 -19.32
N ASN A 8 -19.27 -19.10 -18.21
CA ASN A 8 -20.04 -18.79 -17.01
C ASN A 8 -19.19 -19.09 -15.79
N TYR A 9 -18.63 -18.04 -15.19
CA TYR A 9 -17.79 -18.19 -14.02
C TYR A 9 -18.57 -18.50 -12.75
N ILE A 10 -18.08 -19.48 -12.01
CA ILE A 10 -18.70 -19.87 -10.76
C ILE A 10 -17.80 -19.42 -9.61
N TYR A 11 -18.37 -18.68 -8.67
CA TYR A 11 -17.62 -18.20 -7.51
C TYR A 11 -17.97 -19.04 -6.28
N THR A 12 -16.95 -19.54 -5.61
CA THR A 12 -17.13 -20.37 -4.44
C THR A 12 -17.10 -19.60 -3.13
N PRO A 13 -18.15 -19.73 -2.29
CA PRO A 13 -18.18 -19.03 -1.00
C PRO A 13 -16.95 -19.48 -0.25
N LEU A 14 -16.35 -18.59 0.55
CA LEU A 14 -15.12 -18.91 1.27
C LEU A 14 -15.19 -20.02 2.30
N ASN A 15 -16.39 -20.37 2.75
CA ASN A 15 -16.50 -21.42 3.73
C ASN A 15 -16.61 -22.78 3.03
N GLN A 16 -16.93 -22.76 1.75
CA GLN A 16 -17.09 -23.99 0.97
C GLN A 16 -15.83 -24.40 0.21
N LEU A 17 -14.67 -23.88 0.60
CA LEU A 17 -13.43 -24.20 -0.10
C LEU A 17 -12.86 -25.55 0.28
N LYS A 18 -12.21 -26.22 -0.68
CA LYS A 18 -11.62 -27.53 -0.45
C LYS A 18 -10.21 -27.60 -1.04
N GLY A 19 -9.31 -28.24 -0.31
CA GLY A 19 -7.95 -28.38 -0.78
C GLY A 19 -7.88 -29.19 -2.06
N GLY A 20 -6.89 -28.92 -2.89
CA GLY A 20 -6.74 -29.65 -4.15
C GLY A 20 -7.66 -29.22 -5.27
N THR A 21 -8.16 -27.99 -5.22
CA THR A 21 -9.05 -27.48 -6.27
C THR A 21 -8.63 -26.08 -6.74
N ILE A 22 -9.06 -25.70 -7.94
CA ILE A 22 -8.77 -24.38 -8.47
C ILE A 22 -10.12 -23.70 -8.58
N VAL A 23 -10.25 -22.53 -7.95
CA VAL A 23 -11.54 -21.84 -7.91
C VAL A 23 -11.50 -20.36 -8.27
N ASN A 24 -12.67 -19.74 -8.21
CA ASN A 24 -12.84 -18.31 -8.47
C ASN A 24 -13.49 -17.79 -7.19
N VAL A 25 -13.05 -16.64 -6.70
CA VAL A 25 -13.62 -16.10 -5.46
C VAL A 25 -13.74 -14.58 -5.48
N TYR A 26 -14.62 -14.09 -4.61
CA TYR A 26 -14.87 -12.65 -4.41
C TYR A 26 -14.68 -12.44 -2.91
N GLY A 27 -14.13 -11.29 -2.52
CA GLY A 27 -13.96 -11.02 -1.10
C GLY A 27 -13.56 -9.58 -0.83
N VAL A 28 -13.53 -9.21 0.45
CA VAL A 28 -13.15 -7.87 0.88
C VAL A 28 -11.75 -8.05 1.46
N VAL A 29 -10.85 -7.12 1.17
CA VAL A 29 -9.50 -7.22 1.69
C VAL A 29 -9.44 -6.83 3.17
N LYS A 30 -9.04 -7.76 4.02
CA LYS A 30 -8.93 -7.51 5.45
C LYS A 30 -7.50 -7.11 5.78
N PHE A 31 -6.55 -7.69 5.05
CA PHE A 31 -5.12 -7.44 5.23
C PHE A 31 -4.39 -7.74 3.92
N PHE A 32 -3.30 -7.02 3.66
CA PHE A 32 -2.50 -7.28 2.48
C PHE A 32 -1.08 -6.74 2.55
N LYS A 33 -0.17 -7.45 1.91
CA LYS A 33 1.21 -7.01 1.80
C LYS A 33 1.29 -6.63 0.32
N PRO A 34 1.64 -5.37 0.00
CA PRO A 34 1.75 -4.97 -1.41
C PRO A 34 2.86 -5.76 -2.09
N PRO A 35 2.80 -5.92 -3.43
CA PRO A 35 3.84 -6.69 -4.12
C PRO A 35 5.25 -6.35 -3.71
N TYR A 36 6.05 -7.39 -3.44
CA TYR A 36 7.45 -7.22 -3.03
C TYR A 36 8.24 -8.39 -3.61
N LEU A 37 9.51 -8.14 -3.95
CA LEU A 37 10.33 -9.21 -4.50
C LEU A 37 10.62 -10.21 -3.40
N SER A 38 10.30 -11.48 -3.63
CA SER A 38 10.55 -12.49 -2.62
C SER A 38 11.98 -13.00 -2.75
N LYS A 39 12.35 -13.93 -1.87
CA LYS A 39 13.67 -14.52 -1.89
C LYS A 39 13.76 -15.41 -3.12
N GLY A 40 12.59 -15.78 -3.64
CA GLY A 40 12.56 -16.64 -4.81
C GLY A 40 12.56 -15.90 -6.12
N THR A 41 11.96 -16.52 -7.12
CA THR A 41 11.87 -15.98 -8.47
C THR A 41 10.83 -14.88 -8.68
N ASP A 42 9.77 -14.91 -7.88
CA ASP A 42 8.68 -13.97 -8.07
C ASP A 42 8.44 -12.84 -7.09
N TYR A 43 7.61 -11.91 -7.54
CA TYR A 43 7.17 -10.81 -6.70
C TYR A 43 6.12 -11.58 -5.90
N CYS A 44 5.82 -11.12 -4.68
CA CYS A 44 4.82 -11.80 -3.87
C CYS A 44 3.89 -10.79 -3.23
N SER A 45 2.62 -11.16 -3.11
CA SER A 45 1.65 -10.34 -2.42
C SER A 45 0.78 -11.28 -1.63
N VAL A 46 0.60 -10.96 -0.34
CA VAL A 46 -0.23 -11.78 0.54
C VAL A 46 -1.50 -10.98 0.76
N VAL A 47 -2.63 -11.65 0.60
CA VAL A 47 -3.92 -10.99 0.75
C VAL A 47 -4.85 -11.87 1.53
N THR A 48 -5.43 -11.33 2.60
CA THR A 48 -6.39 -12.10 3.39
C THR A 48 -7.74 -11.49 3.09
N ILE A 49 -8.65 -12.30 2.56
CA ILE A 49 -9.97 -11.79 2.21
C ILE A 49 -11.04 -12.45 3.05
N VAL A 50 -12.19 -11.81 3.08
CA VAL A 50 -13.33 -12.30 3.84
C VAL A 50 -14.59 -12.02 3.03
N ASP A 51 -15.64 -12.83 3.22
CA ASP A 51 -16.89 -12.58 2.50
C ASP A 51 -18.07 -12.72 3.47
N GLN A 52 -19.29 -12.78 2.94
CA GLN A 52 -20.48 -12.89 3.78
C GLN A 52 -20.57 -14.07 4.73
N THR A 53 -19.82 -15.14 4.44
CA THR A 53 -19.83 -16.33 5.31
C THR A 53 -18.96 -16.07 6.53
N ASN A 54 -18.26 -14.95 6.50
CA ASN A 54 -17.37 -14.52 7.57
C ASN A 54 -16.13 -15.38 7.73
N VAL A 55 -15.86 -16.24 6.75
CA VAL A 55 -14.65 -17.06 6.81
C VAL A 55 -13.54 -16.25 6.13
N LYS A 56 -12.35 -16.29 6.72
CA LYS A 56 -11.21 -15.56 6.17
C LYS A 56 -10.35 -16.55 5.39
N LEU A 57 -9.71 -16.07 4.33
CA LEU A 57 -8.82 -16.91 3.53
C LEU A 57 -7.56 -16.13 3.22
N THR A 58 -6.42 -16.69 3.59
CA THR A 58 -5.16 -16.03 3.32
C THR A 58 -4.62 -16.55 2.00
N CYS A 59 -4.34 -15.63 1.08
CA CYS A 59 -3.85 -15.97 -0.25
C CYS A 59 -2.40 -15.55 -0.50
N LEU A 60 -1.61 -16.50 -1.00
CA LEU A 60 -0.21 -16.29 -1.31
C LEU A 60 -0.12 -16.19 -2.82
N LEU A 61 0.10 -14.97 -3.30
CA LEU A 61 0.12 -14.71 -4.74
C LEU A 61 1.50 -14.38 -5.28
N PHE A 62 1.94 -15.16 -6.27
CA PHE A 62 3.25 -14.98 -6.89
C PHE A 62 3.16 -14.73 -8.39
N SER A 63 4.00 -13.85 -8.89
CA SER A 63 4.05 -13.53 -10.32
C SER A 63 5.39 -12.90 -10.67
N GLY A 64 5.85 -13.18 -11.89
CA GLY A 64 7.12 -12.60 -12.33
C GLY A 64 6.91 -11.15 -12.69
N ASN A 65 5.66 -10.76 -12.89
CA ASN A 65 5.35 -9.39 -13.23
C ASN A 65 4.59 -8.68 -12.11
N TYR A 66 5.20 -7.61 -11.61
CA TYR A 66 4.62 -6.82 -10.52
C TYR A 66 3.15 -6.48 -10.77
N GLU A 67 2.84 -5.99 -11.97
CA GLU A 67 1.47 -5.60 -12.29
C GLU A 67 0.43 -6.71 -12.36
N ALA A 68 0.85 -7.97 -12.46
CA ALA A 68 -0.10 -9.08 -12.54
C ALA A 68 -0.75 -9.41 -11.19
N LEU A 69 -0.20 -8.86 -10.12
CA LEU A 69 -0.72 -9.10 -8.79
C LEU A 69 -1.84 -8.10 -8.53
N PRO A 70 -2.75 -8.42 -7.60
CA PRO A 70 -3.88 -7.52 -7.29
C PRO A 70 -3.48 -6.09 -7.05
N ILE A 71 -4.22 -5.18 -7.67
CA ILE A 71 -3.95 -3.75 -7.53
C ILE A 71 -4.78 -3.25 -6.35
N ILE A 72 -4.30 -3.56 -5.15
CA ILE A 72 -4.99 -3.20 -3.91
C ILE A 72 -4.30 -1.96 -3.30
N TYR A 73 -5.08 -0.94 -2.97
CA TYR A 73 -4.52 0.28 -2.40
C TYR A 73 -4.78 0.42 -0.90
N LYS A 74 -5.80 -0.26 -0.40
CA LYS A 74 -6.11 -0.19 1.04
C LYS A 74 -7.03 -1.30 1.50
N ASN A 75 -7.01 -1.55 2.81
CA ASN A 75 -7.92 -2.56 3.36
C ASN A 75 -9.34 -2.08 3.05
N GLY A 76 -10.26 -3.02 2.84
CA GLY A 76 -11.63 -2.66 2.50
C GLY A 76 -11.88 -2.76 1.00
N ASP A 77 -10.79 -2.72 0.22
CA ASP A 77 -10.94 -2.86 -1.23
C ASP A 77 -11.59 -4.21 -1.48
N ILE A 78 -12.27 -4.35 -2.61
CA ILE A 78 -12.92 -5.61 -2.93
C ILE A 78 -12.18 -6.24 -4.10
N VAL A 79 -11.97 -7.56 -4.01
CA VAL A 79 -11.27 -8.28 -5.08
C VAL A 79 -12.06 -9.44 -5.68
N ARG A 80 -11.78 -9.71 -6.93
CA ARG A 80 -12.36 -10.85 -7.62
C ARG A 80 -11.12 -11.61 -8.09
N PHE A 81 -10.98 -12.87 -7.68
CA PHE A 81 -9.84 -13.67 -8.10
C PHE A 81 -10.28 -14.81 -9.00
N HIS A 82 -9.59 -14.97 -10.13
CA HIS A 82 -9.89 -16.10 -11.02
C HIS A 82 -8.67 -17.00 -10.99
N ARG A 83 -8.90 -18.31 -11.00
CA ARG A 83 -7.81 -19.28 -11.00
C ARG A 83 -6.96 -19.26 -9.74
N LEU A 84 -7.61 -19.38 -8.60
CA LEU A 84 -6.92 -19.42 -7.31
C LEU A 84 -6.93 -20.90 -6.90
N LYS A 85 -5.76 -21.44 -6.60
CA LYS A 85 -5.65 -22.82 -6.17
C LYS A 85 -5.80 -22.87 -4.66
N ILE A 86 -6.57 -23.85 -4.19
CA ILE A 86 -6.77 -24.02 -2.75
C ILE A 86 -5.95 -25.21 -2.27
N GLN A 87 -5.11 -24.99 -1.27
CA GLN A 87 -4.29 -26.08 -0.73
C GLN A 87 -4.26 -26.01 0.78
N VAL A 88 -3.66 -27.02 1.40
CA VAL A 88 -3.57 -27.07 2.84
C VAL A 88 -2.13 -26.99 3.30
N TYR A 89 -1.86 -26.07 4.21
CA TYR A 89 -0.51 -25.91 4.75
C TYR A 89 -0.62 -25.98 6.25
N LYS A 90 0.05 -26.98 6.83
CA LYS A 90 0.02 -27.19 8.27
C LYS A 90 -1.43 -27.15 8.77
N LYS A 91 -2.22 -28.06 8.21
CA LYS A 91 -3.64 -28.21 8.53
C LYS A 91 -4.44 -26.93 8.31
N GLU A 92 -3.83 -25.97 7.63
CA GLU A 92 -4.52 -24.70 7.36
C GLU A 92 -4.70 -24.50 5.85
N THR A 93 -5.92 -24.22 5.44
CA THR A 93 -6.23 -24.00 4.04
C THR A 93 -5.75 -22.62 3.62
N GLN A 94 -5.05 -22.55 2.50
CA GLN A 94 -4.55 -21.29 1.99
C GLN A 94 -4.74 -21.20 0.49
N GLY A 95 -4.84 -19.99 -0.01
CA GLY A 95 -5.01 -19.83 -1.43
C GLY A 95 -3.64 -19.50 -2.00
N ILE A 96 -3.42 -19.88 -3.25
CA ILE A 96 -2.16 -19.57 -3.90
C ILE A 96 -2.43 -19.40 -5.38
N THR A 97 -1.62 -18.58 -6.04
CA THR A 97 -1.75 -18.34 -7.45
C THR A 97 -1.61 -19.66 -8.23
N SER A 98 -2.44 -19.80 -9.25
CA SER A 98 -2.41 -20.97 -10.15
C SER A 98 -2.14 -20.37 -11.53
N SER A 99 -1.80 -21.21 -12.51
CA SER A 99 -1.55 -20.70 -13.85
C SER A 99 -2.74 -19.91 -14.37
N GLY A 100 -2.47 -18.77 -15.00
CA GLY A 100 -3.56 -17.95 -15.53
C GLY A 100 -4.28 -17.12 -14.47
N PHE A 101 -3.75 -17.07 -13.26
CA PHE A 101 -4.38 -16.28 -12.19
C PHE A 101 -4.68 -14.87 -12.69
N ALA A 102 -5.85 -14.34 -12.34
CA ALA A 102 -6.21 -12.98 -12.73
C ALA A 102 -7.07 -12.33 -11.64
N SER A 103 -6.90 -11.03 -11.45
CA SER A 103 -7.71 -10.35 -10.45
C SER A 103 -8.24 -9.02 -10.92
N LEU A 104 -9.35 -8.61 -10.29
CA LEU A 104 -9.95 -7.31 -10.53
C LEU A 104 -10.09 -6.72 -9.13
N THR A 105 -9.71 -5.46 -8.94
CA THR A 105 -9.87 -4.86 -7.63
C THR A 105 -10.78 -3.63 -7.76
N PHE A 106 -11.59 -3.39 -6.73
CA PHE A 106 -12.56 -2.29 -6.70
C PHE A 106 -12.55 -1.54 -5.37
N GLU A 107 -13.03 -0.29 -5.40
CA GLU A 107 -13.14 0.47 -4.15
C GLU A 107 -14.19 -0.28 -3.31
N GLY A 108 -14.02 -0.30 -2.00
CA GLY A 108 -14.95 -1.03 -1.15
C GLY A 108 -16.04 -0.25 -0.41
N THR A 109 -16.12 1.05 -0.66
CA THR A 109 -17.11 1.90 -0.01
C THR A 109 -18.43 2.05 -0.76
N LEU A 110 -19.53 1.99 -0.02
CA LEU A 110 -20.88 2.11 -0.58
C LEU A 110 -21.07 3.34 -1.44
N GLY A 111 -21.62 3.14 -2.63
CA GLY A 111 -21.88 4.25 -3.53
C GLY A 111 -20.69 4.73 -4.33
N ALA A 112 -19.51 4.16 -4.09
CA ALA A 112 -18.30 4.55 -4.81
C ALA A 112 -18.37 4.05 -6.26
N PRO A 113 -17.62 4.70 -7.16
CA PRO A 113 -17.66 4.23 -8.55
C PRO A 113 -17.22 2.78 -8.56
N ILE A 114 -17.72 2.00 -9.51
CA ILE A 114 -17.31 0.61 -9.61
C ILE A 114 -16.46 0.53 -10.85
N ILE A 115 -15.16 0.74 -10.67
CA ILE A 115 -14.22 0.71 -11.77
C ILE A 115 -13.20 -0.38 -11.51
N PRO A 116 -13.29 -1.49 -12.26
CA PRO A 116 -12.35 -2.59 -12.05
C PRO A 116 -10.91 -2.21 -12.37
N ARG A 117 -9.98 -2.53 -11.47
CA ARG A 117 -8.58 -2.25 -11.69
C ARG A 117 -7.85 -3.57 -11.94
N THR A 118 -7.10 -3.66 -13.04
CA THR A 118 -6.39 -4.88 -13.36
C THR A 118 -5.37 -4.61 -14.45
N SER A 119 -4.38 -5.49 -14.56
CA SER A 119 -3.37 -5.36 -15.60
C SER A 119 -3.76 -6.24 -16.80
N SER A 120 -4.79 -7.06 -16.62
CA SER A 120 -5.25 -7.95 -17.70
C SER A 120 -5.74 -7.19 -18.92
N LYS A 121 -5.31 -7.63 -20.10
CA LYS A 121 -5.74 -6.99 -21.33
C LYS A 121 -7.17 -7.43 -21.65
N TYR A 122 -7.45 -8.72 -21.42
CA TYR A 122 -8.78 -9.27 -21.66
C TYR A 122 -9.39 -9.82 -20.37
N PHE A 123 -10.59 -9.36 -20.01
CA PHE A 123 -11.22 -9.88 -18.80
C PHE A 123 -12.74 -9.84 -18.84
N ASN A 124 -13.35 -10.83 -18.20
CA ASN A 124 -14.80 -10.96 -18.13
C ASN A 124 -15.34 -9.99 -17.09
N PHE A 125 -16.40 -9.26 -17.43
CA PHE A 125 -16.99 -8.31 -16.51
C PHE A 125 -18.47 -8.19 -16.86
N THR A 126 -19.32 -8.72 -15.98
CA THR A 126 -20.76 -8.69 -16.24
C THR A 126 -21.57 -7.98 -15.17
N THR A 127 -22.88 -7.91 -15.41
CA THR A 127 -23.79 -7.28 -14.48
C THR A 127 -23.73 -8.08 -13.18
N GLU A 128 -23.44 -9.36 -13.33
CA GLU A 128 -23.31 -10.27 -12.19
C GLU A 128 -22.17 -9.81 -11.28
N ASP A 129 -21.10 -9.27 -11.87
CA ASP A 129 -19.97 -8.79 -11.09
C ASP A 129 -20.41 -7.56 -10.30
N HIS A 130 -21.18 -6.69 -10.94
CA HIS A 130 -21.68 -5.49 -10.30
C HIS A 130 -22.43 -5.87 -9.02
N LYS A 131 -23.39 -6.77 -9.16
CA LYS A 131 -24.20 -7.22 -8.04
C LYS A 131 -23.33 -7.78 -6.92
N MET A 132 -22.31 -8.55 -7.29
CA MET A 132 -21.40 -9.16 -6.33
C MET A 132 -20.61 -8.11 -5.55
N VAL A 133 -20.11 -7.10 -6.27
CA VAL A 133 -19.35 -6.04 -5.62
C VAL A 133 -20.28 -5.26 -4.68
N GLU A 134 -21.41 -4.81 -5.19
CA GLU A 134 -22.36 -4.06 -4.35
C GLU A 134 -22.74 -4.85 -3.08
N ALA A 135 -22.94 -6.16 -3.23
CA ALA A 135 -23.30 -7.02 -2.08
C ALA A 135 -22.22 -7.06 -1.01
N LEU A 136 -20.96 -7.10 -1.43
CA LEU A 136 -19.85 -7.11 -0.49
C LEU A 136 -19.71 -5.76 0.19
N ARG A 137 -20.01 -4.68 -0.53
CA ARG A 137 -19.92 -3.34 0.03
C ARG A 137 -21.02 -3.21 1.08
N VAL A 138 -22.20 -3.73 0.77
CA VAL A 138 -23.31 -3.68 1.71
C VAL A 138 -22.89 -4.44 2.96
N TRP A 139 -22.40 -5.67 2.78
CA TRP A 139 -21.95 -6.48 3.90
C TRP A 139 -20.87 -5.79 4.72
N ALA A 140 -19.87 -5.26 4.03
CA ALA A 140 -18.74 -4.59 4.68
C ALA A 140 -19.08 -3.34 5.49
N SER A 141 -20.04 -2.55 5.01
CA SER A 141 -20.41 -1.31 5.70
C SER A 141 -20.77 -1.55 7.16
N THR A 142 -21.28 -2.74 7.44
CA THR A 142 -21.68 -3.13 8.79
C THR A 142 -20.65 -3.98 9.54
N HIS A 143 -19.91 -4.84 8.81
CA HIS A 143 -18.93 -5.69 9.45
C HIS A 143 -17.47 -5.20 9.35
N MET A 144 -17.27 -3.95 8.97
CA MET A 144 -15.92 -3.41 8.85
C MET A 144 -15.87 -1.89 9.06
N SER A 145 -14.66 -1.33 9.09
CA SER A 145 -14.47 0.10 9.30
C SER A 145 -14.18 0.88 8.03
N PRO A 146 -14.69 2.12 7.94
CA PRO A 146 -14.51 3.00 6.78
C PRO A 146 -13.06 3.39 6.48
N SER A 147 -12.86 4.00 5.31
CA SER A 147 -11.54 4.43 4.87
C SER A 147 -11.65 5.36 3.67
N THR A 149 -10.78 7.15 5.95
CA THR A 149 -9.80 7.61 6.93
C THR A 149 -8.40 7.64 6.30
N LEU A 150 -7.80 8.83 6.31
CA LEU A 150 -6.47 9.02 5.74
C LEU A 150 -5.71 10.00 6.64
N LEU A 151 -4.72 9.49 7.38
CA LEU A 151 -3.98 10.35 8.31
C LEU A 151 -2.98 11.32 7.68
N LYS A 152 -3.09 12.60 8.03
CA LYS A 152 -2.16 13.60 7.50
C LYS A 152 -0.98 13.74 8.49
N LEU A 153 0.15 14.24 8.01
CA LEU A 153 1.33 14.37 8.84
C LEU A 153 1.10 15.23 10.06
N CYS A 154 0.23 16.23 9.95
CA CYS A 154 -0.01 17.10 11.09
C CYS A 154 -0.69 16.37 12.23
N ASP A 155 -1.22 15.18 11.96
CA ASP A 155 -1.90 14.43 13.00
C ASP A 155 -1.22 13.19 13.54
N VAL A 156 -0.01 12.89 13.05
CA VAL A 156 0.71 11.72 13.53
C VAL A 156 1.11 11.83 15.00
N GLN A 157 1.13 10.70 15.69
CA GLN A 157 1.47 10.68 17.12
C GLN A 157 2.93 10.29 17.27
N PRO A 158 3.55 10.60 18.44
CA PRO A 158 4.95 10.32 18.77
C PRO A 158 5.48 8.98 18.37
N MET A 159 4.72 7.92 18.65
CA MET A 159 5.16 6.59 18.29
C MET A 159 3.98 5.76 17.81
N GLN A 160 3.89 5.57 16.50
CA GLN A 160 2.81 4.77 15.94
C GLN A 160 3.16 4.35 14.54
N TYR A 161 2.43 3.35 14.02
CA TYR A 161 2.60 2.89 12.64
C TYR A 161 1.39 3.46 11.90
N PHE A 162 1.59 3.86 10.65
CA PHE A 162 0.45 4.37 9.88
C PHE A 162 0.78 4.29 8.42
N ASP A 163 -0.24 4.44 7.57
CA ASP A 163 -0.01 4.42 6.14
C ASP A 163 -0.01 5.88 5.66
N LEU A 164 1.06 6.28 5.01
CA LEU A 164 1.17 7.67 4.54
C LEU A 164 0.95 7.86 3.04
N THR A 165 -0.03 8.70 2.66
CA THR A 165 -0.24 9.02 1.25
C THR A 165 0.53 10.34 1.09
N CYS A 166 1.43 10.40 0.11
CA CYS A 166 2.27 11.59 -0.04
C CYS A 166 2.84 11.73 -1.44
N GLN A 167 3.59 12.82 -1.66
CA GLN A 167 4.27 13.00 -2.93
C GLN A 167 5.77 12.92 -2.66
N LEU A 168 6.49 12.23 -3.53
CA LEU A 168 7.94 12.09 -3.39
C LEU A 168 8.63 13.32 -3.96
N LEU A 169 9.47 13.99 -3.16
CA LEU A 169 10.18 15.17 -3.63
C LEU A 169 11.67 14.92 -3.82
N GLY A 170 12.25 14.02 -3.02
CA GLY A 170 13.67 13.77 -3.14
C GLY A 170 14.09 12.36 -2.75
N LYS A 171 15.25 11.93 -3.26
CA LYS A 171 15.79 10.61 -2.94
C LYS A 171 17.28 10.76 -2.69
N ALA A 172 17.82 9.98 -1.76
CA ALA A 172 19.25 10.06 -1.50
C ALA A 172 19.81 8.76 -0.97
N GLU A 173 20.91 8.31 -1.56
CA GLU A 173 21.57 7.11 -1.05
C GLU A 173 22.11 7.52 0.33
N VAL A 174 22.24 6.55 1.22
CA VAL A 174 22.75 6.83 2.54
C VAL A 174 23.96 5.95 2.85
N ASP A 175 23.72 4.66 3.07
CA ASP A 175 24.82 3.75 3.38
C ASP A 175 24.54 2.32 2.87
N GLY A 176 23.73 2.22 1.83
CA GLY A 176 23.44 0.91 1.26
C GLY A 176 22.39 0.10 2.00
N ALA A 177 22.52 0.02 3.33
CA ALA A 177 21.55 -0.74 4.11
C ALA A 177 20.28 0.10 4.32
N SER A 178 20.38 1.40 4.04
CA SER A 178 19.24 2.29 4.19
C SER A 178 19.23 3.33 3.05
N PHE A 179 18.08 3.95 2.84
CA PHE A 179 17.91 4.91 1.75
C PHE A 179 16.88 5.97 2.16
N LEU A 180 17.16 7.21 1.82
CA LEU A 180 16.28 8.34 2.18
C LEU A 180 15.27 8.77 1.11
N LEU A 181 14.03 8.98 1.55
CA LEU A 181 12.94 9.47 0.72
C LEU A 181 12.48 10.76 1.41
N LYS A 182 12.44 11.87 0.68
CA LYS A 182 11.97 13.11 1.26
C LYS A 182 10.58 13.27 0.65
N VAL A 183 9.55 13.32 1.49
CA VAL A 183 8.20 13.40 0.97
C VAL A 183 7.40 14.48 1.67
N TRP A 184 6.18 14.72 1.20
CA TRP A 184 5.34 15.70 1.88
C TRP A 184 3.88 15.41 1.55
N ASP A 185 2.97 15.99 2.34
CA ASP A 185 1.53 15.81 2.06
C ASP A 185 0.78 17.14 2.20
N GLY A 186 1.52 18.23 2.38
CA GLY A 186 0.88 19.53 2.50
C GLY A 186 0.62 20.01 3.92
N THR A 187 0.89 19.17 4.91
CA THR A 187 0.71 19.56 6.32
C THR A 187 2.02 19.38 7.12
N ARG A 188 2.13 20.05 8.26
CA ARG A 188 3.35 19.96 9.07
C ARG A 188 3.20 19.06 10.28
N THR A 189 4.23 18.25 10.53
CA THR A 189 4.25 17.35 11.67
C THR A 189 4.24 18.20 12.97
N PRO A 190 3.79 17.63 14.10
CA PRO A 190 3.73 18.38 15.36
C PRO A 190 5.12 18.76 15.91
N PHE A 191 6.14 17.97 15.55
CA PHE A 191 7.53 18.23 15.92
C PHE A 191 8.30 18.18 14.60
N PRO A 192 9.41 18.91 14.49
CA PRO A 192 10.16 18.87 13.24
C PRO A 192 10.68 17.48 12.92
N SER A 193 10.65 17.15 11.64
CA SER A 193 11.20 15.89 11.17
C SER A 193 12.71 15.83 11.47
N TRP A 194 13.21 14.64 11.78
CA TRP A 194 14.67 14.49 11.92
C TRP A 194 15.21 14.71 10.49
N ARG A 195 16.52 14.92 10.37
CA ARG A 195 17.13 15.10 9.05
C ARG A 195 18.36 14.22 8.98
N VAL A 196 18.31 13.26 8.07
CA VAL A 196 19.42 12.34 7.87
C VAL A 196 20.58 13.08 7.21
N LEU A 197 21.79 12.91 7.74
CA LEU A 197 22.93 13.58 7.16
C LEU A 197 23.18 13.00 5.77
N ILE A 198 23.14 13.85 4.76
CA ILE A 198 23.35 13.42 3.37
C ILE A 198 24.59 14.08 2.78
N GLN A 199 25.17 13.45 1.76
CA GLN A 199 26.34 14.03 1.09
C GLN A 199 25.84 15.09 0.13
N ASP A 200 26.77 15.83 -0.45
CA ASP A 200 26.44 16.91 -1.37
C ASP A 200 25.50 16.54 -2.54
N LEU A 201 26.11 16.18 -3.67
CA LEU A 201 25.40 15.84 -4.91
C LEU A 201 24.53 14.58 -4.90
N VAL A 202 24.46 13.89 -3.76
CA VAL A 202 23.68 12.65 -3.66
C VAL A 202 22.16 12.80 -3.78
N LEU A 203 21.62 13.87 -3.20
CA LEU A 203 20.17 14.08 -3.24
C LEU A 203 19.65 14.42 -4.64
N GLU A 204 18.72 13.63 -5.15
CA GLU A 204 18.14 13.92 -6.46
C GLU A 204 16.72 14.47 -6.27
N GLY A 205 16.43 15.54 -7.00
CA GLY A 205 15.14 16.20 -6.92
C GLY A 205 15.33 17.71 -6.97
N ASP A 206 14.23 18.46 -6.91
CA ASP A 206 14.28 19.92 -6.96
C ASP A 206 14.72 20.49 -5.60
N LEU A 207 16.03 20.63 -5.44
CA LEU A 207 16.60 21.14 -4.19
C LEU A 207 16.01 22.45 -3.70
N SER A 208 15.83 23.41 -4.59
CA SER A 208 15.28 24.70 -4.18
C SER A 208 13.84 24.56 -3.71
N HIS A 209 13.06 23.70 -4.35
CA HIS A 209 11.68 23.48 -3.93
C HIS A 209 11.71 22.89 -2.52
N ILE A 210 12.52 21.85 -2.34
CA ILE A 210 12.64 21.20 -1.04
C ILE A 210 13.02 22.23 0.03
N HIS A 211 14.02 23.05 -0.27
CA HIS A 211 14.47 24.08 0.66
C HIS A 211 13.36 25.06 1.03
N ARG A 212 12.63 25.52 0.03
CA ARG A 212 11.54 26.47 0.27
C ARG A 212 10.44 25.88 1.15
N LEU A 213 10.20 24.58 1.02
CA LEU A 213 9.15 23.93 1.79
C LEU A 213 9.50 23.77 3.27
N GLN A 214 10.79 23.80 3.59
CA GLN A 214 11.22 23.67 4.96
C GLN A 214 10.62 22.44 5.64
N ASN A 215 10.02 22.65 6.81
CA ASN A 215 9.48 21.53 7.58
C ASN A 215 8.19 20.90 7.06
N LEU A 216 7.75 21.34 5.88
CA LEU A 216 6.60 20.72 5.23
C LEU A 216 7.09 19.36 4.74
N THR A 217 8.38 19.23 4.43
CA THR A 217 8.87 17.90 4.01
C THR A 217 9.36 17.13 5.23
N ILE A 218 9.35 15.81 5.13
CA ILE A 218 9.88 14.95 6.18
C ILE A 218 10.87 14.02 5.52
N ASP A 219 11.77 13.49 6.33
CA ASP A 219 12.77 12.53 5.89
C ASP A 219 12.33 11.15 6.33
N ILE A 220 12.27 10.22 5.38
CA ILE A 220 11.91 8.85 5.69
C ILE A 220 13.11 7.96 5.34
N LEU A 221 13.54 7.15 6.27
CA LEU A 221 14.64 6.24 6.00
C LEU A 221 14.05 4.85 5.84
N VAL A 222 14.29 4.21 4.70
CA VAL A 222 13.78 2.87 4.48
C VAL A 222 14.98 1.92 4.57
N TYR A 223 14.75 0.69 5.01
CA TYR A 223 15.85 -0.25 5.17
C TYR A 223 15.77 -1.58 4.45
N ASP A 224 16.94 -2.21 4.33
CA ASP A 224 17.03 -3.53 3.75
C ASP A 224 16.32 -3.74 2.42
N ASN A 225 15.35 -4.63 2.40
CA ASN A 225 14.63 -4.95 1.17
C ASN A 225 13.90 -3.77 0.56
N HIS A 226 13.62 -2.75 1.37
CA HIS A 226 12.90 -1.58 0.85
C HIS A 226 13.78 -0.68 0.01
N VAL A 227 15.10 -0.82 0.15
CA VAL A 227 16.02 0.03 -0.60
C VAL A 227 15.96 -0.04 -2.14
N HIS A 228 15.94 -1.22 -2.73
CA HIS A 228 15.93 -1.25 -4.18
C HIS A 228 14.63 -0.66 -4.72
N VAL A 229 13.54 -0.85 -3.99
CA VAL A 229 12.26 -0.29 -4.41
C VAL A 229 12.36 1.24 -4.34
N ALA A 230 12.85 1.75 -3.21
CA ALA A 230 13.00 3.19 -3.04
C ALA A 230 13.91 3.78 -4.11
N ARG A 231 15.01 3.10 -4.39
CA ARG A 231 15.95 3.57 -5.39
C ARG A 231 15.33 3.74 -6.78
N SER A 232 14.29 2.96 -7.06
CA SER A 232 13.63 3.00 -8.35
C SER A 232 12.51 4.02 -8.51
N LEU A 233 12.08 4.63 -7.41
CA LEU A 233 10.96 5.58 -7.49
C LEU A 233 11.26 6.84 -8.29
N LYS A 234 10.24 7.33 -8.97
CA LYS A 234 10.36 8.53 -9.78
C LYS A 234 10.01 9.75 -8.93
N VAL A 235 10.91 10.72 -8.85
CA VAL A 235 10.65 11.92 -8.08
C VAL A 235 9.41 12.62 -8.66
N GLY A 236 8.52 13.07 -7.78
CA GLY A 236 7.32 13.74 -8.23
C GLY A 236 6.10 12.82 -8.23
N SER A 237 6.35 11.51 -8.14
CA SER A 237 5.25 10.54 -8.12
C SER A 237 4.53 10.53 -6.77
N PHE A 238 3.37 9.90 -6.74
CA PHE A 238 2.59 9.84 -5.52
C PHE A 238 2.71 8.44 -4.96
N LEU A 239 2.85 8.38 -3.66
CA LEU A 239 3.06 7.11 -2.99
C LEU A 239 2.16 6.83 -1.81
N ARG A 240 2.03 5.54 -1.50
CA ARG A 240 1.38 5.17 -0.25
C ARG A 240 2.48 4.32 0.39
N ILE A 241 2.90 4.74 1.59
CA ILE A 241 3.95 4.03 2.31
C ILE A 241 3.23 3.39 3.48
N TYR A 242 3.15 2.06 3.44
CA TYR A 242 2.42 1.30 4.42
C TYR A 242 3.22 0.96 5.66
N SER A 243 2.57 1.14 6.81
CA SER A 243 3.16 0.82 8.10
C SER A 243 4.48 1.57 8.35
N LEU A 244 4.46 2.85 8.00
CA LEU A 244 5.59 3.74 8.25
C LEU A 244 5.57 3.87 9.78
N HIS A 245 6.75 4.02 10.37
CA HIS A 245 6.83 4.09 11.83
C HIS A 245 7.39 5.42 12.31
N THR A 246 6.66 6.06 13.22
CA THR A 246 7.14 7.33 13.77
C THR A 246 7.80 7.04 15.11
N LYS A 247 8.83 7.80 15.43
CA LYS A 247 9.50 7.63 16.70
C LYS A 247 9.98 9.00 17.14
N LEU A 248 9.51 9.45 18.29
CA LEU A 248 9.96 10.75 18.81
C LEU A 248 11.33 10.51 19.41
N GLN A 249 12.31 11.31 19.03
CA GLN A 249 13.68 11.18 19.58
C GLN A 249 13.84 12.37 20.57
N SER A 250 14.30 12.11 21.78
CA SER A 250 14.47 13.19 22.73
C SER A 250 15.93 13.32 23.19
N MET A 251 16.81 12.51 22.64
CA MET A 251 18.24 12.56 22.99
C MET A 251 19.01 12.31 21.70
N ASN A 252 19.85 13.26 21.28
CA ASN A 252 20.59 13.04 20.04
C ASN A 252 21.86 12.21 20.26
N SER A 253 22.58 11.93 19.18
CA SER A 253 23.79 11.12 19.25
C SER A 253 24.91 11.70 20.10
N GLU A 254 24.81 13.00 20.38
CA GLU A 254 25.84 13.66 21.19
C GLU A 254 25.34 13.82 22.62
N ASN A 255 24.31 13.06 22.96
CA ASN A 255 23.70 13.07 24.29
C ASN A 255 23.11 14.41 24.74
N GLN A 256 22.58 15.17 23.79
CA GLN A 256 21.94 16.44 24.12
C GLN A 256 20.44 16.20 24.05
N THR A 257 19.70 16.90 24.91
CA THR A 257 18.25 16.76 24.95
C THR A 257 17.62 17.60 23.83
N MET A 258 16.66 17.01 23.11
CA MET A 258 15.98 17.76 22.05
C MET A 258 14.70 17.02 21.66
N LEU A 259 14.08 17.46 20.56
CA LEU A 259 12.86 16.79 20.11
C LEU A 259 12.80 16.76 18.60
N SER A 260 12.74 15.55 18.04
CA SER A 260 12.57 15.46 16.60
C SER A 260 11.77 14.19 16.33
N LEU A 261 11.06 14.20 15.23
CA LEU A 261 10.26 13.03 14.89
C LEU A 261 10.98 12.25 13.78
N GLU A 262 11.29 10.98 14.03
CA GLU A 262 11.93 10.12 13.04
C GLU A 262 10.86 9.31 12.30
N PHE A 263 11.13 8.93 11.05
CA PHE A 263 10.20 8.12 10.27
C PHE A 263 11.03 6.99 9.68
N HIS A 264 10.66 5.76 10.01
CA HIS A 264 11.39 4.58 9.55
C HIS A 264 10.46 3.60 8.86
N LEU A 265 10.92 3.00 7.76
CA LEU A 265 10.15 1.96 7.10
C LEU A 265 11.09 0.77 7.31
N HIS A 266 10.86 0.04 8.40
CA HIS A 266 11.73 -1.08 8.77
C HIS A 266 11.77 -2.26 7.82
N GLY A 267 12.92 -2.94 7.80
CA GLY A 267 13.10 -4.10 6.95
C GLY A 267 12.05 -5.16 7.21
N GLY A 268 11.82 -6.02 6.22
CA GLY A 268 10.80 -7.05 6.38
C GLY A 268 9.51 -6.60 5.75
N THR A 269 8.51 -7.47 5.74
CA THR A 269 7.23 -7.17 5.13
C THR A 269 6.06 -7.36 6.09
N SER A 270 6.36 -7.64 7.36
CA SER A 270 5.30 -7.84 8.35
C SER A 270 4.39 -6.62 8.37
N TYR A 271 3.12 -6.85 8.65
CA TYR A 271 2.11 -5.79 8.72
C TYR A 271 1.91 -4.97 7.44
N GLY A 272 2.42 -5.47 6.33
CA GLY A 272 2.24 -4.75 5.07
C GLY A 272 3.27 -3.69 4.77
N ARG A 273 4.32 -3.60 5.59
CA ARG A 273 5.37 -2.61 5.36
C ARG A 273 5.81 -2.69 3.91
N GLY A 274 5.75 -1.57 3.22
CA GLY A 274 6.13 -1.55 1.82
C GLY A 274 5.64 -0.27 1.21
N ILE A 275 5.83 -0.15 -0.10
CA ILE A 275 5.47 1.04 -0.83
C ILE A 275 4.78 0.72 -2.13
N ARG A 276 3.70 1.44 -2.42
CA ARG A 276 3.00 1.28 -3.68
C ARG A 276 2.82 2.67 -4.29
N VAL A 277 3.15 2.79 -5.57
CA VAL A 277 3.01 4.05 -6.28
C VAL A 277 1.52 4.24 -6.62
N LEU A 278 0.99 5.40 -6.30
CA LEU A 278 -0.42 5.70 -6.57
C LEU A 278 -0.55 6.42 -7.90
N PRO A 279 -1.40 5.92 -8.78
CA PRO A 279 -1.57 6.58 -10.07
C PRO A 279 -2.39 7.85 -9.91
N GLU A 280 -2.32 8.75 -10.88
CA GLU A 280 -3.08 9.97 -10.79
C GLU A 280 -4.58 9.73 -10.97
N SER A 281 -4.94 8.50 -11.35
CA SER A 281 -6.35 8.14 -11.52
C SER A 281 -6.95 7.76 -10.16
N ASN A 282 -6.14 7.87 -9.11
CA ASN A 282 -6.58 7.55 -7.75
C ASN A 282 -7.22 8.77 -7.07
N SER A 283 -8.42 8.60 -6.54
CA SER A 283 -9.14 9.70 -5.90
C SER A 283 -8.40 10.33 -4.72
N ASP A 284 -7.61 9.53 -4.02
CA ASP A 284 -6.85 10.04 -2.87
C ASP A 284 -5.76 10.99 -3.35
N VAL A 285 -5.28 10.75 -4.57
CA VAL A 285 -4.25 11.60 -5.16
C VAL A 285 -4.91 12.94 -5.50
N ASP A 286 -6.17 12.93 -5.97
CA ASP A 286 -6.83 14.19 -6.30
C ASP A 286 -6.91 15.12 -5.09
N GLN A 287 -7.29 14.56 -3.95
CA GLN A 287 -7.40 15.36 -2.73
C GLN A 287 -6.01 15.86 -2.29
N LEU A 288 -5.04 14.96 -2.36
CA LEU A 288 -3.67 15.32 -1.99
C LEU A 288 -3.17 16.50 -2.81
N LYS A 289 -3.37 16.45 -4.13
CA LYS A 289 -2.90 17.54 -4.99
C LYS A 289 -3.43 18.90 -4.55
N LYS A 290 -4.68 18.94 -4.09
CA LYS A 290 -5.26 20.21 -3.63
C LYS A 290 -4.58 20.69 -2.36
N ASP A 291 -4.27 19.76 -1.45
CA ASP A 291 -3.59 20.15 -0.21
C ASP A 291 -2.19 20.66 -0.54
N LEU A 292 -1.55 20.02 -1.53
CA LEU A 292 -0.22 20.46 -1.94
C LEU A 292 -0.27 21.85 -2.55
N GLU A 293 -1.28 22.11 -3.36
CA GLU A 293 -1.43 23.42 -3.97
C GLU A 293 -1.65 24.48 -2.92
N SER A 294 -2.50 24.19 -1.93
CA SER A 294 -2.78 25.14 -0.86
C SER A 294 -1.50 25.43 -0.07
N ALA A 295 -0.77 24.37 0.28
CA ALA A 295 0.47 24.51 1.03
C ALA A 295 1.50 25.29 0.23
N ASN A 296 1.66 24.94 -1.05
CA ASN A 296 2.62 25.60 -1.91
C ASN A 296 2.47 27.12 -1.93
N LEU A 297 1.24 27.61 -1.92
CA LEU A 297 0.98 29.03 -1.93
C LEU A 297 1.52 29.72 -0.69
N THR A 298 1.43 29.04 0.45
CA THR A 298 1.93 29.60 1.70
C THR A 298 3.46 29.60 1.73
N ALA A 299 4.04 28.44 1.40
CA ALA A 299 5.50 28.26 1.39
C ALA A 299 6.21 29.12 0.34
#